data_7X2L
#
_entry.id   7X2L
#
_cell.length_a   89.168
_cell.length_b   89.168
_cell.length_c   129.154
_cell.angle_alpha   90.000
_cell.angle_beta   90.000
_cell.angle_gamma   90.000
#
_symmetry.space_group_name_H-M   'P 41 21 2'
#
loop_
_entity.id
_entity.type
_entity.pdbx_description
1 polymer 'Spike protein S1'
2 polymer 'Nanobody 3-2A2-4'
3 branched beta-D-mannopyranose-(1-4)-2-acetamido-2-deoxy-beta-D-glucopyranose-(1-4)-[alpha-L-fucopyranose-(1-6)]2-acetamido-2-deoxy-beta-D-glucopyranose
4 water water
#
loop_
_entity_poly.entity_id
_entity_poly.type
_entity_poly.pdbx_seq_one_letter_code
_entity_poly.pdbx_strand_id
1 'polypeptide(L)'
;TNLCPFGEVFNATRFASVYAWNRKRISNCVADYSVLYNSASFSTFKCYGVSPTKLNDLCFTNVYADSFVIRGDEVRQIAP
GQTGKIADYNYKLPDDFTGCVIAWNSNNLDSKVGGNYNYLYRLFRKSNLKPFERDISTEIYQAGSTPCNGVEGFNCYFPL
QSYGFQPTNGVGYQPYRVVVLSFELLHAPATVCGPK
;
E
2 'polypeptide(L)'
;QVQLQESGGGLVQPGESLRLSCAASGSISTLNVMGWYRQAPGKQRELVAQITLDGSPEYADSVKGRFTITKDGAQSTLYL
QMNNLKPEDTAVYFCKLENGGFFYYWGQGTQVTVSTHHHHHH
;
B
#
# COMPACT_ATOMS: atom_id res chain seq x y z
N THR A 1 10.47 12.59 11.13
CA THR A 1 9.71 13.67 10.53
C THR A 1 8.57 13.21 9.60
N ASN A 2 8.73 12.06 8.92
CA ASN A 2 7.77 11.59 7.93
C ASN A 2 7.25 10.20 8.26
N LEU A 3 5.98 9.90 7.89
CA LEU A 3 5.52 8.51 7.90
C LEU A 3 6.04 7.73 6.71
N CYS A 4 6.46 6.49 6.98
CA CYS A 4 6.91 5.59 5.92
C CYS A 4 5.74 5.29 4.98
N PRO A 5 6.02 5.13 3.70
CA PRO A 5 4.95 5.01 2.69
C PRO A 5 4.57 3.56 2.38
N PHE A 6 4.40 2.74 3.43
CA PHE A 6 4.08 1.33 3.21
C PHE A 6 2.65 1.16 2.71
N GLY A 7 1.77 2.10 3.04
CA GLY A 7 0.40 2.05 2.54
C GLY A 7 0.32 2.05 1.03
N GLU A 8 1.33 2.55 0.35
CA GLU A 8 1.30 2.46 -1.09
C GLU A 8 1.47 1.02 -1.55
N VAL A 9 1.96 0.13 -0.69
CA VAL A 9 2.03 -1.30 -1.00
C VAL A 9 0.79 -2.06 -0.54
N PHE A 10 0.43 -1.92 0.72
CA PHE A 10 -0.63 -2.73 1.32
C PHE A 10 -2.03 -2.27 0.94
N ASN A 11 -2.20 -1.05 0.44
CA ASN A 11 -3.48 -0.58 -0.07
C ASN A 11 -3.42 -0.36 -1.57
N ALA A 12 -2.41 -0.89 -2.24
CA ALA A 12 -2.30 -0.73 -3.67
C ALA A 12 -3.52 -1.33 -4.37
N THR A 13 -3.98 -0.66 -5.43
CA THR A 13 -5.05 -1.20 -6.24
C THR A 13 -4.61 -2.44 -7.00
N ARG A 14 -3.44 -2.39 -7.61
CA ARG A 14 -2.88 -3.47 -8.43
C ARG A 14 -1.47 -3.80 -8.00
N PHE A 15 -1.15 -5.09 -8.02
CA PHE A 15 0.21 -5.58 -7.79
C PHE A 15 0.89 -5.99 -9.09
N ALA A 16 2.21 -6.20 -8.97
CA ALA A 16 3.11 -6.68 -10.00
C ALA A 16 2.95 -8.19 -10.21
N SER A 17 3.37 -8.67 -11.38
CA SER A 17 3.49 -10.10 -11.63
C SER A 17 4.78 -10.60 -11.03
N VAL A 18 4.80 -11.90 -10.68
CA VAL A 18 5.91 -12.33 -9.83
C VAL A 18 7.24 -12.29 -10.59
N TYR A 19 7.24 -12.45 -11.91
CA TYR A 19 8.50 -12.33 -12.66
C TYR A 19 9.07 -10.91 -12.57
N ALA A 20 8.21 -9.89 -12.49
CA ALA A 20 8.64 -8.49 -12.44
C ALA A 20 8.26 -7.85 -11.10
N TRP A 21 8.63 -8.51 -10.00
CA TRP A 21 8.24 -8.05 -8.68
C TRP A 21 8.74 -6.63 -8.43
N ASN A 22 7.90 -5.82 -7.81
CA ASN A 22 8.25 -4.44 -7.52
CA ASN A 22 8.24 -4.44 -7.52
C ASN A 22 9.01 -4.37 -6.22
N ARG A 23 10.05 -3.53 -6.20
CA ARG A 23 10.82 -3.24 -5.00
C ARG A 23 10.60 -1.78 -4.69
N LYS A 24 10.14 -1.49 -3.47
CA LYS A 24 10.04 -0.11 -2.99
C LYS A 24 11.04 0.07 -1.87
N ARG A 25 11.89 1.08 -1.99
CA ARG A 25 12.87 1.32 -0.95
C ARG A 25 12.33 2.36 0.04
N ILE A 26 12.50 2.06 1.32
CA ILE A 26 12.00 2.87 2.42
C ILE A 26 13.18 3.45 3.19
N SER A 27 13.17 4.77 3.41
CA SER A 27 14.23 5.43 4.16
C SER A 27 13.69 6.71 4.78
N ASN A 28 14.43 7.22 5.78
CA ASN A 28 14.08 8.47 6.44
C ASN A 28 12.61 8.63 6.75
N CYS A 29 12.13 7.82 7.67
CA CYS A 29 10.72 7.84 8.03
C CYS A 29 10.58 7.01 9.28
N VAL A 30 9.41 7.11 9.90
CA VAL A 30 9.05 6.31 11.05
C VAL A 30 7.80 5.51 10.72
N ALA A 31 7.64 4.39 11.40
CA ALA A 31 6.58 3.43 11.11
C ALA A 31 6.24 2.69 12.39
N ASP A 32 4.96 2.36 12.52
CA ASP A 32 4.46 1.57 13.66
C ASP A 32 4.09 0.17 13.16
N TYR A 33 4.97 -0.80 13.40
CA TYR A 33 4.73 -2.14 12.88
C TYR A 33 3.59 -2.86 13.58
N SER A 34 3.25 -2.51 14.83
CA SER A 34 2.00 -2.94 15.46
C SER A 34 0.82 -2.87 14.51
N VAL A 35 0.80 -1.89 13.61
CA VAL A 35 -0.37 -1.73 12.77
C VAL A 35 -0.50 -2.90 11.80
N LEU A 36 0.64 -3.40 11.27
CA LEU A 36 0.57 -4.59 10.44
C LEU A 36 0.01 -5.77 11.19
N TYR A 37 0.73 -6.23 12.21
CA TYR A 37 0.34 -7.50 12.80
C TYR A 37 -0.98 -7.38 13.56
N ASN A 38 -1.27 -6.24 14.19
CA ASN A 38 -2.56 -6.12 14.87
C ASN A 38 -3.75 -6.00 13.92
N SER A 39 -3.52 -5.83 12.61
CA SER A 39 -4.64 -5.93 11.68
C SER A 39 -5.22 -7.35 11.65
N ALA A 40 -4.38 -8.36 11.86
CA ALA A 40 -4.75 -9.77 11.70
C ALA A 40 -5.20 -10.07 10.28
N SER A 41 -4.78 -9.29 9.31
CA SER A 41 -5.28 -9.45 7.94
C SER A 41 -4.42 -10.38 7.12
N PHE A 42 -3.34 -10.91 7.68
CA PHE A 42 -2.33 -11.62 6.90
C PHE A 42 -2.27 -13.09 7.33
N SER A 43 -2.63 -13.99 6.41
CA SER A 43 -2.65 -15.41 6.71
C SER A 43 -1.26 -16.03 6.64
N THR A 44 -0.30 -15.27 6.13
CA THR A 44 1.11 -15.70 6.18
C THR A 44 1.86 -14.51 6.78
N PHE A 45 2.49 -14.69 7.94
CA PHE A 45 3.30 -13.63 8.59
C PHE A 45 4.40 -14.37 9.34
N LYS A 46 5.50 -14.61 8.65
CA LYS A 46 6.63 -15.31 9.27
C LYS A 46 7.86 -14.42 9.14
N CYS A 47 8.59 -14.27 10.24
CA CYS A 47 9.77 -13.40 10.23
C CYS A 47 11.03 -14.22 10.47
N TYR A 48 12.13 -13.85 9.85
CA TYR A 48 13.41 -14.55 9.92
C TYR A 48 14.46 -13.57 10.42
N GLY A 49 15.12 -13.92 11.51
CA GLY A 49 16.14 -13.05 12.06
C GLY A 49 15.60 -11.90 12.87
N VAL A 50 14.30 -11.63 12.83
CA VAL A 50 13.73 -10.56 13.60
C VAL A 50 12.40 -11.03 14.18
N SER A 51 11.79 -10.18 14.98
CA SER A 51 10.61 -10.55 15.74
C SER A 51 9.61 -9.42 15.56
N PRO A 52 8.41 -9.70 15.00
CA PRO A 52 7.40 -8.66 14.80
C PRO A 52 7.23 -7.68 15.95
N THR A 53 7.04 -8.19 17.17
CA THR A 53 6.82 -7.26 18.28
C THR A 53 8.10 -6.53 18.73
N LYS A 54 9.28 -6.83 18.19
CA LYS A 54 10.46 -6.03 18.51
C LYS A 54 10.82 -5.06 17.40
N LEU A 55 10.02 -4.95 16.33
CA LEU A 55 10.42 -4.13 15.19
C LEU A 55 10.31 -2.64 15.50
N ASN A 56 9.35 -2.24 16.34
CA ASN A 56 9.23 -0.84 16.76
C ASN A 56 10.42 -0.35 17.58
N ASP A 57 11.30 -1.24 18.02
CA ASP A 57 12.41 -0.91 18.90
C ASP A 57 13.73 -0.81 18.15
N LEU A 58 13.73 -0.98 16.84
CA LEU A 58 14.94 -1.03 16.06
C LEU A 58 14.97 0.09 15.03
N CYS A 59 16.17 0.32 14.48
CA CYS A 59 16.35 1.23 13.36
C CYS A 59 17.21 0.53 12.33
N PHE A 60 16.93 0.79 11.05
CA PHE A 60 17.63 0.13 9.97
C PHE A 60 18.08 1.18 8.96
N THR A 61 19.16 0.86 8.26
CA THR A 61 19.61 1.70 7.16
C THR A 61 18.52 1.85 6.11
N ASN A 62 18.02 0.71 5.60
CA ASN A 62 16.93 0.66 4.64
C ASN A 62 15.94 -0.42 5.06
N VAL A 63 14.74 -0.32 4.50
CA VAL A 63 13.78 -1.42 4.46
C VAL A 63 13.30 -1.51 3.02
N TYR A 64 13.33 -2.72 2.46
CA TYR A 64 12.80 -2.96 1.12
C TYR A 64 11.54 -3.80 1.20
N ALA A 65 10.46 -3.31 0.59
CA ALA A 65 9.23 -4.06 0.43
C ALA A 65 9.16 -4.56 -1.01
N ASP A 66 9.23 -5.87 -1.19
CA ASP A 66 8.97 -6.51 -2.47
C ASP A 66 7.53 -7.01 -2.50
N SER A 67 6.81 -6.70 -3.57
CA SER A 67 5.41 -7.07 -3.70
C SER A 67 5.20 -7.75 -5.05
N PHE A 68 4.24 -8.68 -5.11
CA PHE A 68 3.94 -9.49 -6.29
C PHE A 68 2.76 -10.41 -5.94
N VAL A 69 2.20 -11.06 -6.95
CA VAL A 69 1.04 -11.94 -6.80
C VAL A 69 1.44 -13.34 -7.23
N ILE A 70 1.14 -14.32 -6.37
CA ILE A 70 1.29 -15.71 -6.81
C ILE A 70 0.03 -16.48 -6.47
N ARG A 71 0.10 -17.77 -6.66
CA ARG A 71 -1.00 -18.68 -6.47
C ARG A 71 -0.89 -19.22 -5.05
N GLY A 72 -2.04 -19.50 -4.43
CA GLY A 72 -2.07 -19.95 -3.04
C GLY A 72 -1.03 -20.99 -2.65
N ASP A 73 -0.99 -22.12 -3.35
CA ASP A 73 -0.06 -23.15 -2.90
C ASP A 73 1.39 -22.96 -3.43
N GLU A 74 1.74 -21.78 -3.94
CA GLU A 74 3.13 -21.42 -4.11
C GLU A 74 3.67 -20.52 -3.00
N VAL A 75 2.78 -19.99 -2.14
CA VAL A 75 3.20 -19.18 -1.00
C VAL A 75 4.30 -19.88 -0.21
N ARG A 76 4.24 -21.21 -0.08
CA ARG A 76 5.25 -21.87 0.74
C ARG A 76 6.65 -21.77 0.13
N GLN A 77 6.80 -21.36 -1.13
CA GLN A 77 8.13 -21.22 -1.70
C GLN A 77 8.80 -19.92 -1.32
N ILE A 78 8.05 -18.94 -0.84
CA ILE A 78 8.65 -17.69 -0.42
C ILE A 78 9.20 -17.89 0.97
N ALA A 79 10.32 -18.62 1.07
CA ALA A 79 10.96 -18.92 2.33
C ALA A 79 12.38 -19.35 2.04
N PRO A 80 13.31 -19.17 2.98
CA PRO A 80 14.70 -19.57 2.74
C PRO A 80 14.77 -21.00 2.23
N GLY A 81 15.53 -21.19 1.15
CA GLY A 81 15.88 -22.52 0.68
C GLY A 81 14.70 -23.35 0.26
N GLN A 82 13.93 -22.87 -0.69
CA GLN A 82 12.83 -23.63 -1.26
C GLN A 82 13.11 -23.85 -2.74
N THR A 83 12.51 -24.90 -3.29
CA THR A 83 12.59 -25.13 -4.73
C THR A 83 11.17 -25.14 -5.29
N GLY A 84 11.12 -25.08 -6.61
CA GLY A 84 9.90 -24.85 -7.35
C GLY A 84 10.10 -23.71 -8.33
N LYS A 85 9.17 -23.63 -9.28
CA LYS A 85 9.35 -22.65 -10.35
C LYS A 85 9.21 -21.22 -9.84
N ILE A 86 8.61 -21.01 -8.67
CA ILE A 86 8.56 -19.65 -8.16
C ILE A 86 9.88 -19.30 -7.48
N ALA A 87 10.32 -20.14 -6.54
CA ALA A 87 11.58 -19.84 -5.87
C ALA A 87 12.78 -19.96 -6.82
N ASP A 88 12.74 -20.91 -7.76
CA ASP A 88 13.87 -21.07 -8.66
C ASP A 88 13.91 -19.98 -9.73
N TYR A 89 12.78 -19.71 -10.40
CA TYR A 89 12.79 -18.91 -11.63
C TYR A 89 12.20 -17.50 -11.52
N ASN A 90 11.61 -17.11 -10.36
CA ASN A 90 10.91 -15.83 -10.28
C ASN A 90 11.30 -14.94 -9.08
N TYR A 91 11.41 -15.50 -7.88
CA TYR A 91 11.76 -14.71 -6.70
C TYR A 91 12.40 -15.64 -5.67
N LYS A 92 13.71 -15.45 -5.39
CA LYS A 92 14.48 -16.37 -4.56
C LYS A 92 14.87 -15.66 -3.29
N LEU A 93 14.65 -16.30 -2.16
CA LEU A 93 15.08 -15.71 -0.91
C LEU A 93 16.42 -16.30 -0.46
N PRO A 94 17.33 -15.47 0.07
CA PRO A 94 18.60 -16.00 0.57
C PRO A 94 18.41 -16.88 1.78
N ASP A 95 19.44 -17.69 2.05
CA ASP A 95 19.42 -18.52 3.24
C ASP A 95 19.61 -17.68 4.49
N ASP A 96 20.38 -16.60 4.40
CA ASP A 96 20.57 -15.67 5.51
C ASP A 96 19.53 -14.55 5.53
N PHE A 97 18.34 -14.82 5.02
CA PHE A 97 17.34 -13.77 4.86
C PHE A 97 16.94 -13.21 6.22
N THR A 98 16.92 -11.89 6.30
CA THR A 98 16.55 -11.20 7.52
C THR A 98 15.40 -10.24 7.19
N GLY A 99 14.21 -10.58 7.66
CA GLY A 99 13.02 -9.85 7.27
C GLY A 99 11.79 -10.70 7.47
N CYS A 100 10.68 -10.22 6.92
CA CYS A 100 9.39 -10.87 7.10
C CYS A 100 8.71 -11.12 5.77
N VAL A 101 8.05 -12.27 5.67
CA VAL A 101 7.24 -12.63 4.51
C VAL A 101 5.78 -12.51 4.94
N ILE A 102 5.00 -11.68 4.22
CA ILE A 102 3.60 -11.43 4.50
C ILE A 102 2.75 -11.76 3.27
N ALA A 103 1.60 -12.40 3.48
CA ALA A 103 0.77 -12.81 2.35
C ALA A 103 -0.70 -12.86 2.76
N TRP A 104 -1.57 -12.70 1.77
CA TRP A 104 -3.00 -12.72 2.06
C TRP A 104 -3.72 -13.00 0.76
N ASN A 105 -4.91 -13.58 0.90
CA ASN A 105 -5.71 -14.05 -0.22
C ASN A 105 -6.39 -12.86 -0.87
N SER A 106 -6.12 -12.64 -2.16
CA SER A 106 -6.63 -11.49 -2.90
C SER A 106 -7.63 -11.91 -3.97
N ASN A 107 -8.32 -13.02 -3.73
CA ASN A 107 -9.32 -13.51 -4.67
C ASN A 107 -10.38 -12.48 -4.99
N ASN A 108 -10.70 -11.62 -4.03
CA ASN A 108 -11.73 -10.60 -4.22
C ASN A 108 -11.28 -9.42 -5.10
N LEU A 109 -9.98 -9.20 -5.21
CA LEU A 109 -9.45 -8.14 -6.06
C LEU A 109 -8.92 -8.64 -7.39
N ASP A 110 -8.26 -9.79 -7.40
CA ASP A 110 -7.47 -10.21 -8.53
C ASP A 110 -8.10 -11.33 -9.33
N SER A 111 -9.34 -11.71 -9.02
CA SER A 111 -10.05 -12.72 -9.79
C SER A 111 -11.25 -12.07 -10.45
N LYS A 112 -11.56 -12.56 -11.63
CA LYS A 112 -12.68 -12.00 -12.38
C LYS A 112 -13.46 -13.15 -12.98
N VAL A 113 -14.76 -13.00 -13.07
CA VAL A 113 -15.58 -14.03 -13.75
C VAL A 113 -15.05 -14.06 -15.19
N GLY A 114 -14.76 -15.25 -15.68
CA GLY A 114 -14.16 -15.33 -17.01
C GLY A 114 -12.70 -15.63 -16.86
N GLY A 115 -12.08 -15.12 -15.79
CA GLY A 115 -10.65 -15.40 -15.78
C GLY A 115 -9.84 -14.12 -15.94
N ASN A 116 -9.03 -13.78 -14.94
CA ASN A 116 -8.07 -12.70 -15.09
C ASN A 116 -6.73 -13.32 -15.46
N TYR A 117 -6.23 -13.00 -16.66
CA TYR A 117 -4.99 -13.60 -17.13
C TYR A 117 -3.82 -12.63 -17.08
N ASN A 118 -4.01 -11.47 -16.45
CA ASN A 118 -2.99 -10.43 -16.44
C ASN A 118 -1.76 -10.77 -15.58
N TYR A 119 -1.83 -11.75 -14.69
CA TYR A 119 -0.68 -12.07 -13.84
C TYR A 119 0.12 -13.18 -14.50
N LEU A 120 1.44 -13.02 -14.53
CA LEU A 120 2.30 -13.91 -15.29
C LEU A 120 3.47 -14.35 -14.44
N TYR A 121 4.00 -15.53 -14.75
CA TYR A 121 5.19 -16.05 -14.11
C TYR A 121 6.09 -16.64 -15.19
N ARG A 122 7.38 -16.77 -14.84
CA ARG A 122 8.33 -17.38 -15.75
C ARG A 122 8.34 -18.88 -15.53
N LEU A 123 8.06 -19.64 -16.59
CA LEU A 123 8.05 -21.08 -16.48
C LEU A 123 9.41 -21.71 -16.83
N PHE A 124 10.24 -21.04 -17.64
CA PHE A 124 11.47 -21.61 -18.17
C PHE A 124 12.66 -20.69 -17.95
N ARG A 125 13.77 -21.26 -17.45
CA ARG A 125 15.03 -20.53 -17.35
C ARG A 125 16.18 -21.53 -17.30
N LYS A 126 17.31 -21.15 -17.91
CA LYS A 126 18.50 -22.01 -17.97
C LYS A 126 19.12 -22.27 -16.60
N SER A 127 18.87 -21.41 -15.63
CA SER A 127 19.46 -21.61 -14.30
C SER A 127 18.57 -20.92 -13.27
N ASN A 128 18.80 -21.28 -12.01
CA ASN A 128 18.06 -20.68 -10.92
C ASN A 128 18.45 -19.20 -10.77
N LEU A 129 17.52 -18.43 -10.21
CA LEU A 129 17.85 -17.05 -9.84
C LEU A 129 18.71 -17.03 -8.60
N LYS A 130 19.50 -16.01 -8.49
CA LYS A 130 20.21 -15.82 -7.23
C LYS A 130 19.38 -14.97 -6.28
N PRO A 131 19.64 -15.05 -4.96
CA PRO A 131 18.74 -14.38 -4.01
C PRO A 131 18.57 -12.89 -4.30
N PHE A 132 17.31 -12.48 -4.48
CA PHE A 132 16.86 -11.11 -4.74
C PHE A 132 17.11 -10.69 -6.18
N GLU A 133 17.48 -11.63 -7.05
CA GLU A 133 17.66 -11.36 -8.47
C GLU A 133 16.31 -11.27 -9.18
N ARG A 134 16.28 -10.53 -10.30
CA ARG A 134 15.06 -10.18 -11.01
C ARG A 134 15.30 -10.26 -12.51
N ASP A 135 14.66 -11.23 -13.17
CA ASP A 135 14.79 -11.50 -14.60
C ASP A 135 13.47 -11.14 -15.29
N ILE A 136 13.47 -10.08 -16.10
CA ILE A 136 12.26 -9.70 -16.83
C ILE A 136 12.37 -10.01 -18.32
N SER A 137 13.40 -10.73 -18.74
CA SER A 137 13.62 -10.95 -20.17
C SER A 137 12.50 -11.80 -20.77
N THR A 138 12.23 -11.58 -22.05
CA THR A 138 11.20 -12.33 -22.77
C THR A 138 11.81 -12.97 -24.01
N GLU A 139 12.97 -13.61 -23.88
CA GLU A 139 13.58 -14.27 -25.02
C GLU A 139 13.14 -15.73 -25.08
N ILE A 140 12.84 -16.21 -26.29
CA ILE A 140 12.41 -17.60 -26.49
C ILE A 140 13.35 -18.59 -25.84
N TYR A 141 12.80 -19.42 -24.95
CA TYR A 141 13.56 -20.50 -24.31
C TYR A 141 13.78 -21.66 -25.27
N GLN A 142 14.88 -22.38 -25.04
CA GLN A 142 15.33 -23.50 -25.87
C GLN A 142 15.29 -24.80 -25.06
N ALA A 143 14.17 -25.53 -25.15
CA ALA A 143 14.02 -26.79 -24.42
C ALA A 143 14.68 -27.96 -25.14
N GLY A 144 15.08 -27.73 -26.40
CA GLY A 144 15.84 -28.75 -27.16
C GLY A 144 17.27 -28.32 -27.45
N SER A 145 17.81 -28.73 -28.61
CA SER A 145 19.21 -28.39 -28.99
C SER A 145 19.24 -27.65 -30.33
N THR A 146 18.30 -26.72 -30.53
CA THR A 146 18.20 -25.97 -31.79
C THR A 146 17.99 -24.48 -31.49
N PRO A 147 18.94 -23.57 -31.81
CA PRO A 147 18.73 -22.13 -31.64
C PRO A 147 17.32 -21.74 -32.11
N CYS A 148 16.52 -21.21 -31.20
CA CYS A 148 15.14 -20.88 -31.61
C CYS A 148 15.25 -19.56 -32.36
N ASN A 149 16.40 -18.90 -32.20
CA ASN A 149 16.67 -17.63 -32.94
C ASN A 149 15.46 -16.68 -32.86
N GLY A 150 14.85 -16.51 -31.69
CA GLY A 150 13.77 -15.53 -31.52
C GLY A 150 12.40 -15.97 -31.98
N VAL A 151 12.16 -17.27 -32.22
CA VAL A 151 10.76 -17.68 -32.57
C VAL A 151 10.38 -18.94 -31.80
N GLU A 152 9.12 -19.09 -31.42
CA GLU A 152 8.70 -20.29 -30.72
C GLU A 152 8.74 -21.47 -31.69
N GLY A 153 9.11 -22.65 -31.18
CA GLY A 153 9.18 -23.81 -32.02
C GLY A 153 9.02 -25.10 -31.24
N PHE A 154 9.26 -26.22 -31.92
CA PHE A 154 9.36 -27.53 -31.27
C PHE A 154 10.44 -27.45 -30.21
N ASN A 155 10.10 -27.72 -28.94
CA ASN A 155 11.12 -27.61 -27.88
C ASN A 155 11.74 -26.23 -27.78
N CYS A 156 10.96 -25.26 -28.23
CA CYS A 156 11.31 -23.85 -28.17
C CYS A 156 10.08 -23.06 -27.73
N TYR A 157 10.21 -22.37 -26.60
CA TYR A 157 9.03 -21.95 -25.85
C TYR A 157 9.18 -20.49 -25.40
N PHE A 158 8.09 -19.72 -25.49
CA PHE A 158 8.05 -18.38 -24.84
C PHE A 158 8.13 -18.56 -23.33
N PRO A 159 8.96 -17.78 -22.63
CA PRO A 159 9.28 -18.13 -21.23
C PRO A 159 8.22 -17.74 -20.20
N LEU A 160 7.17 -16.99 -20.58
CA LEU A 160 6.14 -16.56 -19.65
C LEU A 160 4.78 -17.13 -20.03
N GLN A 161 3.98 -17.42 -19.01
CA GLN A 161 2.62 -17.93 -19.20
C GLN A 161 1.74 -17.38 -18.06
N SER A 162 0.43 -17.47 -18.23
CA SER A 162 -0.53 -16.73 -17.44
C SER A 162 -1.10 -17.56 -16.30
N TYR A 163 -1.42 -16.91 -15.18
CA TYR A 163 -2.10 -17.65 -14.10
C TYR A 163 -3.55 -17.95 -14.41
N GLY A 164 -4.34 -16.96 -14.79
CA GLY A 164 -5.74 -17.29 -14.93
C GLY A 164 -6.48 -17.51 -13.61
N PHE A 165 -6.95 -16.41 -13.05
CA PHE A 165 -7.59 -16.40 -11.74
C PHE A 165 -9.09 -16.22 -11.89
N GLN A 166 -9.85 -17.22 -11.49
CA GLN A 166 -11.30 -17.03 -11.46
C GLN A 166 -11.79 -17.15 -10.03
N PRO A 167 -12.93 -16.52 -9.69
CA PRO A 167 -13.41 -16.57 -8.29
C PRO A 167 -13.75 -17.96 -7.80
N THR A 168 -14.19 -18.84 -8.69
CA THR A 168 -14.55 -20.21 -8.34
C THR A 168 -13.37 -21.17 -8.35
N ASN A 169 -12.13 -20.69 -8.44
CA ASN A 169 -11.01 -21.60 -8.31
C ASN A 169 -10.89 -22.10 -6.87
N GLY A 170 -10.26 -23.27 -6.70
CA GLY A 170 -9.93 -23.73 -5.37
C GLY A 170 -8.84 -22.88 -4.74
N VAL A 171 -8.76 -22.89 -3.41
CA VAL A 171 -7.88 -21.93 -2.75
C VAL A 171 -6.44 -22.09 -3.22
N GLY A 172 -6.01 -23.32 -3.52
CA GLY A 172 -4.65 -23.50 -3.98
C GLY A 172 -4.35 -22.74 -5.26
N TYR A 173 -5.37 -22.47 -6.07
CA TYR A 173 -5.19 -21.75 -7.33
C TYR A 173 -5.85 -20.37 -7.29
N GLN A 174 -6.11 -19.82 -6.06
CA GLN A 174 -6.57 -18.45 -5.94
C GLN A 174 -5.37 -17.51 -5.79
N PRO A 175 -5.51 -16.26 -6.20
CA PRO A 175 -4.39 -15.31 -6.09
C PRO A 175 -4.11 -14.90 -4.64
N TYR A 176 -2.81 -14.87 -4.31
CA TYR A 176 -2.34 -14.29 -3.05
C TYR A 176 -1.40 -13.11 -3.33
N ARG A 177 -1.61 -12.01 -2.60
CA ARG A 177 -0.68 -10.90 -2.65
C ARG A 177 0.39 -11.12 -1.60
N VAL A 178 1.64 -10.95 -1.98
CA VAL A 178 2.77 -11.17 -1.11
C VAL A 178 3.55 -9.87 -0.98
N VAL A 179 3.97 -9.55 0.24
CA VAL A 179 4.95 -8.49 0.51
C VAL A 179 6.08 -9.11 1.33
N VAL A 180 7.31 -9.00 0.84
CA VAL A 180 8.50 -9.44 1.57
C VAL A 180 9.24 -8.19 2.05
N LEU A 181 9.23 -7.97 3.37
CA LEU A 181 10.01 -6.89 3.97
C LEU A 181 11.43 -7.36 4.23
N SER A 182 12.41 -6.59 3.78
CA SER A 182 13.82 -6.87 4.01
C SER A 182 14.37 -5.76 4.89
N PHE A 183 15.15 -6.13 5.90
CA PHE A 183 15.72 -5.15 6.82
C PHE A 183 17.23 -5.17 6.70
N GLU A 184 17.81 -3.99 6.46
CA GLU A 184 19.21 -3.81 6.10
C GLU A 184 19.84 -2.86 7.10
N LEU A 185 20.92 -3.30 7.74
CA LEU A 185 21.67 -2.40 8.65
C LEU A 185 23.12 -2.38 8.19
N LEU A 186 23.51 -1.35 7.46
CA LEU A 186 24.90 -1.22 6.97
C LEU A 186 25.69 -0.33 7.91
N HIS A 187 26.80 0.24 7.42
CA HIS A 187 27.65 1.10 8.27
C HIS A 187 27.15 2.55 8.17
N ALA A 188 26.14 2.77 7.33
CA ALA A 188 25.62 4.12 7.11
C ALA A 188 24.61 4.53 8.21
N PRO A 189 24.03 5.76 8.29
CA PRO A 189 23.11 6.06 9.39
C PRO A 189 21.77 5.37 9.16
N ALA A 190 21.23 4.80 10.24
CA ALA A 190 19.96 4.11 10.16
C ALA A 190 18.83 5.12 10.31
N THR A 191 18.02 5.27 9.24
CA THR A 191 17.03 6.34 9.13
C THR A 191 15.60 5.87 9.35
N VAL A 192 15.36 4.56 9.43
CA VAL A 192 14.02 3.95 9.44
C VAL A 192 13.77 3.40 10.84
N CYS A 193 12.80 3.97 11.55
CA CYS A 193 12.65 3.73 12.97
C CYS A 193 11.19 3.63 13.37
N GLY A 194 10.94 3.20 14.60
CA GLY A 194 9.61 3.06 15.11
C GLY A 194 9.31 4.13 16.14
N PRO A 195 8.10 4.13 16.70
CA PRO A 195 7.73 5.18 17.67
C PRO A 195 8.64 5.18 18.89
N LYS A 196 9.63 6.05 18.91
CA LYS A 196 10.59 6.04 20.01
C LYS A 196 11.23 7.42 20.17
N GLN B 1 -11.48 -1.57 11.68
CA GLN B 1 -10.35 -1.40 12.58
C GLN B 1 -10.04 0.11 12.85
N VAL B 2 -10.07 0.98 11.83
CA VAL B 2 -10.09 2.43 12.03
C VAL B 2 -11.32 3.00 11.32
N GLN B 3 -12.13 3.78 12.04
CA GLN B 3 -13.31 4.43 11.48
C GLN B 3 -13.19 5.95 11.58
N LEU B 4 -13.78 6.65 10.61
CA LEU B 4 -13.78 8.12 10.51
C LEU B 4 -15.17 8.62 10.19
N GLN B 5 -15.69 9.53 11.01
CA GLN B 5 -17.00 10.13 10.75
C GLN B 5 -16.89 11.67 10.64
N GLU B 6 -17.22 12.19 9.46
CA GLU B 6 -17.31 13.63 9.25
C GLU B 6 -18.67 14.15 9.70
N SER B 7 -18.68 15.33 10.32
CA SER B 7 -19.92 16.00 10.68
C SER B 7 -19.76 17.50 10.48
N GLY B 8 -20.90 18.19 10.39
CA GLY B 8 -20.91 19.62 10.24
C GLY B 8 -21.17 20.11 8.83
N GLY B 9 -21.38 19.21 7.88
CA GLY B 9 -21.74 19.62 6.54
C GLY B 9 -23.06 20.37 6.52
N GLY B 10 -23.31 21.09 5.44
CA GLY B 10 -24.60 21.71 5.30
C GLY B 10 -24.59 22.87 4.30
N LEU B 11 -25.63 23.69 4.43
CA LEU B 11 -25.87 24.87 3.61
C LEU B 11 -25.27 26.10 4.27
N VAL B 12 -24.54 26.90 3.47
CA VAL B 12 -23.86 28.10 3.96
C VAL B 12 -23.94 29.16 2.87
N GLN B 13 -24.09 30.50 3.30
CA GLN B 13 -24.06 31.53 2.27
C GLN B 13 -22.62 31.96 1.99
N PRO B 14 -22.32 32.45 0.78
CA PRO B 14 -20.97 32.96 0.53
C PRO B 14 -20.60 34.05 1.53
N GLY B 15 -19.33 34.02 1.98
CA GLY B 15 -18.86 34.92 3.00
C GLY B 15 -19.08 34.46 4.42
N GLU B 16 -19.91 33.43 4.63
CA GLU B 16 -20.17 32.97 5.98
C GLU B 16 -19.09 32.00 6.43
N SER B 17 -19.18 31.55 7.68
CA SER B 17 -18.23 30.58 8.20
C SER B 17 -18.90 29.27 8.57
N LEU B 18 -18.10 28.20 8.57
CA LEU B 18 -18.59 26.86 8.91
C LEU B 18 -17.44 26.01 9.40
N ARG B 19 -17.67 25.26 10.47
CA ARG B 19 -16.66 24.34 10.99
C ARG B 19 -17.10 22.89 10.78
N LEU B 20 -16.20 22.08 10.24
CA LEU B 20 -16.37 20.64 10.05
C LEU B 20 -15.52 19.87 11.06
N SER B 21 -16.00 18.67 11.41
CA SER B 21 -15.39 17.80 12.41
C SER B 21 -15.18 16.40 11.85
N CYS B 22 -14.05 15.79 12.19
CA CYS B 22 -13.79 14.39 11.86
C CYS B 22 -13.46 13.65 13.16
N ALA B 23 -14.44 12.90 13.68
CA ALA B 23 -14.18 11.98 14.79
C ALA B 23 -13.54 10.70 14.26
N ALA B 24 -12.36 10.37 14.75
CA ALA B 24 -11.68 9.13 14.40
C ALA B 24 -11.71 8.16 15.58
N SER B 25 -11.86 6.87 15.31
CA SER B 25 -11.91 5.87 16.39
C SER B 25 -11.41 4.54 15.87
N GLY B 26 -11.30 3.58 16.79
CA GLY B 26 -10.68 2.30 16.49
C GLY B 26 -9.25 2.25 16.96
N SER B 27 -8.38 1.49 16.29
CA SER B 27 -7.04 1.18 16.80
C SER B 27 -6.05 2.10 16.10
N ILE B 28 -5.99 3.32 16.59
CA ILE B 28 -5.20 4.36 15.95
C ILE B 28 -3.80 4.35 16.54
N SER B 29 -2.79 4.33 15.68
CA SER B 29 -1.42 4.38 16.18
C SER B 29 -1.09 5.79 16.66
N THR B 30 -0.08 5.89 17.52
CA THR B 30 0.44 7.21 17.87
C THR B 30 1.10 7.88 16.67
N LEU B 31 1.60 7.10 15.72
CA LEU B 31 2.13 7.63 14.47
C LEU B 31 1.01 7.62 13.44
N ASN B 32 0.36 8.77 13.21
CA ASN B 32 -0.63 8.85 12.16
C ASN B 32 -0.69 10.27 11.61
N VAL B 33 -1.15 10.40 10.38
CA VAL B 33 -1.34 11.69 9.73
C VAL B 33 -2.80 11.79 9.32
N MET B 34 -3.45 12.87 9.71
CA MET B 34 -4.82 13.14 9.29
C MET B 34 -4.86 14.35 8.36
N GLY B 35 -5.86 14.38 7.48
CA GLY B 35 -6.01 15.42 6.48
C GLY B 35 -7.47 15.59 6.12
N TRP B 36 -7.77 16.73 5.49
CA TRP B 36 -9.09 17.00 4.93
C TRP B 36 -8.95 17.14 3.42
N TYR B 37 -9.90 16.58 2.68
CA TYR B 37 -9.90 16.52 1.22
C TYR B 37 -11.29 16.86 0.75
N ARG B 38 -11.41 17.31 -0.51
CA ARG B 38 -12.73 17.60 -1.01
C ARG B 38 -12.83 17.17 -2.47
N GLN B 39 -14.07 17.05 -2.93
CA GLN B 39 -14.30 16.66 -4.32
C GLN B 39 -15.57 17.32 -4.80
N ALA B 40 -15.42 18.30 -5.69
CA ALA B 40 -16.55 18.83 -6.44
C ALA B 40 -16.92 17.85 -7.55
N PRO B 41 -18.18 17.83 -8.00
CA PRO B 41 -18.57 16.81 -8.99
C PRO B 41 -17.93 17.08 -10.34
N GLY B 42 -17.50 16.00 -11.00
CA GLY B 42 -16.76 16.11 -12.23
C GLY B 42 -15.29 16.38 -12.05
N LYS B 43 -14.92 16.80 -10.84
CA LYS B 43 -13.49 17.07 -10.54
C LYS B 43 -12.94 15.94 -9.69
N GLN B 44 -11.63 15.92 -9.51
CA GLN B 44 -10.98 14.84 -8.75
C GLN B 44 -10.80 15.26 -7.30
N ARG B 45 -10.63 14.28 -6.42
CA ARG B 45 -10.40 14.56 -4.99
C ARG B 45 -9.17 15.43 -4.86
N GLU B 46 -9.26 16.46 -4.02
CA GLU B 46 -8.16 17.43 -3.89
C GLU B 46 -7.82 17.61 -2.43
N LEU B 47 -6.54 17.57 -2.11
CA LEU B 47 -6.11 17.89 -0.75
C LEU B 47 -6.59 19.30 -0.37
N VAL B 48 -7.14 19.44 0.83
CA VAL B 48 -7.59 20.72 1.36
C VAL B 48 -6.68 21.22 2.47
N ALA B 49 -6.40 20.39 3.47
CA ALA B 49 -5.54 20.80 4.57
C ALA B 49 -5.13 19.55 5.32
N GLN B 50 -3.87 19.50 5.78
CA GLN B 50 -3.46 18.39 6.61
C GLN B 50 -2.46 18.89 7.64
N ILE B 51 -2.25 18.06 8.66
CA ILE B 51 -1.28 18.31 9.72
C ILE B 51 -0.18 17.24 9.60
N THR B 52 1.05 17.68 9.31
CA THR B 52 2.14 16.74 9.14
C THR B 52 2.38 15.98 10.43
N LEU B 53 3.28 14.99 10.32
CA LEU B 53 3.63 14.21 11.50
C LEU B 53 4.24 15.11 12.58
N ASP B 54 5.13 16.02 12.18
CA ASP B 54 5.78 16.92 13.15
C ASP B 54 4.83 17.98 13.72
N GLY B 55 3.59 18.06 13.26
CA GLY B 55 2.59 18.91 13.85
C GLY B 55 2.24 20.15 13.05
N SER B 56 2.94 20.42 11.99
CA SER B 56 2.74 21.71 11.36
C SER B 56 1.67 21.61 10.28
N PRO B 57 0.67 22.50 10.30
CA PRO B 57 -0.40 22.43 9.29
C PRO B 57 0.05 22.88 7.91
N GLU B 58 -0.63 22.30 6.90
CA GLU B 58 -0.39 22.62 5.50
C GLU B 58 -1.72 22.81 4.81
N TYR B 59 -1.75 23.68 3.78
CA TYR B 59 -3.01 24.06 3.17
C TYR B 59 -2.87 24.04 1.65
N ALA B 60 -3.94 23.65 0.97
CA ALA B 60 -4.01 23.87 -0.48
C ALA B 60 -4.00 25.37 -0.75
N ASP B 61 -3.48 25.75 -1.92
CA ASP B 61 -3.37 27.17 -2.25
C ASP B 61 -4.74 27.85 -2.31
N SER B 62 -5.77 27.14 -2.73
CA SER B 62 -7.11 27.73 -2.85
C SER B 62 -7.75 28.07 -1.51
N VAL B 63 -7.15 27.71 -0.38
CA VAL B 63 -7.87 27.91 0.87
C VAL B 63 -6.90 28.50 1.87
N LYS B 64 -5.65 28.61 1.46
CA LYS B 64 -4.64 29.19 2.32
C LYS B 64 -5.07 30.61 2.74
N GLY B 65 -5.10 30.82 4.05
CA GLY B 65 -5.56 32.04 4.65
C GLY B 65 -7.04 32.07 4.99
N ARG B 66 -7.86 31.22 4.38
CA ARG B 66 -9.27 31.16 4.77
C ARG B 66 -9.64 29.96 5.64
N PHE B 67 -8.86 28.87 5.63
CA PHE B 67 -9.21 27.66 6.38
C PHE B 67 -8.19 27.40 7.48
N THR B 68 -8.65 26.89 8.63
CA THR B 68 -7.75 26.51 9.71
C THR B 68 -8.01 25.06 10.15
N ILE B 69 -6.96 24.26 10.24
CA ILE B 69 -7.06 22.84 10.58
C ILE B 69 -6.37 22.63 11.92
N THR B 70 -7.09 22.02 12.87
CA THR B 70 -6.54 21.75 14.18
C THR B 70 -6.93 20.34 14.62
N LYS B 71 -6.07 19.75 15.45
CA LYS B 71 -6.20 18.38 15.93
C LYS B 71 -6.37 18.40 17.45
N ASP B 72 -7.57 18.06 17.91
CA ASP B 72 -7.86 17.89 19.33
C ASP B 72 -7.34 16.52 19.79
N GLY B 73 -6.19 16.52 20.48
CA GLY B 73 -5.60 15.26 20.90
C GLY B 73 -6.53 14.43 21.77
N ALA B 74 -7.15 15.08 22.76
CA ALA B 74 -7.93 14.34 23.76
C ALA B 74 -9.12 13.60 23.11
N GLN B 75 -9.80 14.25 22.18
CA GLN B 75 -11.09 13.78 21.70
C GLN B 75 -10.97 13.23 20.28
N SER B 76 -9.75 12.86 19.89
CA SER B 76 -9.32 12.35 18.58
C SER B 76 -10.15 12.89 17.42
N THR B 77 -10.35 14.21 17.40
CA THR B 77 -11.16 14.91 16.40
C THR B 77 -10.28 15.88 15.62
N LEU B 78 -10.41 15.86 14.30
CA LEU B 78 -9.69 16.78 13.44
C LEU B 78 -10.68 17.83 12.95
N TYR B 79 -10.38 19.10 13.18
CA TYR B 79 -11.30 20.18 12.88
C TYR B 79 -10.83 20.95 11.66
N LEU B 80 -11.79 21.34 10.80
CA LEU B 80 -11.52 22.23 9.68
C LEU B 80 -12.43 23.44 9.82
N GLN B 81 -11.83 24.59 10.16
CA GLN B 81 -12.56 25.84 10.34
C GLN B 81 -12.50 26.60 9.02
N MET B 82 -13.67 26.90 8.46
CA MET B 82 -13.74 27.39 7.09
C MET B 82 -14.37 28.78 7.15
N ASN B 83 -13.59 29.81 6.79
CA ASN B 83 -14.03 31.20 6.84
C ASN B 83 -14.14 31.77 5.44
N ASN B 84 -15.01 32.75 5.30
CA ASN B 84 -15.20 33.47 4.03
C ASN B 84 -15.43 32.46 2.93
N LEU B 85 -16.42 31.62 3.15
CA LEU B 85 -16.74 30.60 2.14
C LEU B 85 -17.12 31.26 0.82
N LYS B 86 -16.76 30.59 -0.26
CA LYS B 86 -17.08 31.03 -1.61
C LYS B 86 -17.83 29.91 -2.32
N PRO B 87 -18.55 30.21 -3.40
CA PRO B 87 -19.29 29.15 -4.11
C PRO B 87 -18.41 28.01 -4.61
N GLU B 88 -17.11 28.22 -4.80
CA GLU B 88 -16.19 27.21 -5.30
C GLU B 88 -15.75 26.22 -4.24
N ASP B 89 -16.15 26.43 -2.99
CA ASP B 89 -15.84 25.52 -1.91
C ASP B 89 -16.91 24.44 -1.77
N THR B 90 -17.97 24.54 -2.57
CA THR B 90 -19.03 23.56 -2.60
C THR B 90 -18.47 22.23 -3.10
N ALA B 91 -18.57 21.19 -2.27
CA ALA B 91 -17.95 19.91 -2.56
C ALA B 91 -18.38 18.93 -1.48
N VAL B 92 -18.01 17.67 -1.68
CA VAL B 92 -18.03 16.68 -0.61
C VAL B 92 -16.68 16.72 0.06
N TYR B 93 -16.65 16.83 1.38
CA TYR B 93 -15.43 16.90 2.18
C TYR B 93 -15.19 15.57 2.91
N PHE B 94 -13.94 15.08 2.87
CA PHE B 94 -13.54 13.79 3.40
C PHE B 94 -12.34 13.96 4.32
N CYS B 95 -12.31 13.23 5.45
CA CYS B 95 -11.01 13.10 6.12
C CYS B 95 -10.33 11.78 5.76
N LYS B 96 -9.03 11.80 5.87
CA LYS B 96 -8.13 10.69 5.64
C LYS B 96 -7.35 10.49 6.92
N LEU B 97 -6.92 9.25 7.16
CA LEU B 97 -6.05 8.93 8.28
C LEU B 97 -5.08 7.89 7.77
N GLU B 98 -3.80 8.19 7.82
CA GLU B 98 -2.75 7.23 7.46
C GLU B 98 -2.26 6.64 8.76
N ASN B 99 -2.50 5.35 8.96
CA ASN B 99 -2.27 4.74 10.27
C ASN B 99 -0.95 3.99 10.27
N GLY B 100 -0.06 4.43 11.15
CA GLY B 100 1.22 3.80 11.36
C GLY B 100 2.12 3.73 10.16
N GLY B 101 1.71 4.24 9.01
CA GLY B 101 2.50 4.10 7.81
C GLY B 101 2.21 2.87 6.98
N PHE B 102 1.21 2.07 7.37
CA PHE B 102 0.90 0.85 6.65
C PHE B 102 -0.47 0.85 6.00
N PHE B 103 -1.47 1.50 6.60
CA PHE B 103 -2.80 1.58 5.99
C PHE B 103 -3.27 3.03 5.96
N TYR B 104 -4.19 3.33 5.05
CA TYR B 104 -4.89 4.60 5.16
C TYR B 104 -6.38 4.34 5.04
N TYR B 105 -7.17 5.30 5.52
CA TYR B 105 -8.60 5.16 5.62
C TYR B 105 -9.26 6.47 5.22
N TRP B 106 -10.48 6.37 4.70
CA TRP B 106 -11.32 7.50 4.29
C TRP B 106 -12.65 7.47 5.02
N GLY B 107 -13.25 8.63 5.26
CA GLY B 107 -14.63 8.67 5.69
C GLY B 107 -15.56 8.62 4.50
N GLN B 108 -16.87 8.61 4.78
CA GLN B 108 -17.82 8.68 3.67
C GLN B 108 -17.97 10.09 3.11
N GLY B 109 -17.65 11.12 3.88
CA GLY B 109 -17.80 12.41 3.27
C GLY B 109 -19.05 13.11 3.74
N THR B 110 -18.99 14.44 3.75
CA THR B 110 -20.14 15.26 4.09
C THR B 110 -20.19 16.40 3.09
N GLN B 111 -21.40 16.79 2.77
CA GLN B 111 -21.66 17.73 1.70
C GLN B 111 -21.64 19.15 2.28
N VAL B 112 -20.81 20.02 1.70
CA VAL B 112 -20.82 21.45 2.00
C VAL B 112 -21.31 22.18 0.75
N THR B 113 -22.42 22.92 0.88
CA THR B 113 -23.07 23.62 -0.22
C THR B 113 -23.05 25.11 0.08
N VAL B 114 -22.41 25.90 -0.77
CA VAL B 114 -22.33 27.34 -0.55
C VAL B 114 -23.31 28.01 -1.50
N SER B 115 -24.43 28.51 -0.99
CA SER B 115 -25.42 29.15 -1.86
C SER B 115 -26.14 30.26 -1.10
N THR B 116 -26.59 31.25 -1.86
CA THR B 116 -27.23 32.41 -1.26
C THR B 116 -28.63 32.00 -0.77
N HIS B 117 -29.00 32.44 0.43
CA HIS B 117 -30.35 32.14 0.91
C HIS B 117 -31.34 33.14 0.33
N HIS B 118 -32.60 32.71 0.27
CA HIS B 118 -33.65 33.50 -0.36
C HIS B 118 -34.68 33.77 0.72
N HIS B 119 -34.78 35.04 1.11
CA HIS B 119 -35.38 35.39 2.38
C HIS B 119 -36.88 35.48 2.33
#